data_7LEU
#
_entry.id   7LEU
#
_cell.length_a   78.556
_cell.length_b   90.857
_cell.length_c   99.879
_cell.angle_alpha   90.000
_cell.angle_beta   90.000
_cell.angle_gamma   90.000
#
_symmetry.space_group_name_H-M   'P 21 21 21'
#
loop_
_entity.id
_entity.type
_entity.pdbx_description
1 polymer 'Importin subunit alpha-1'
2 polymer 'Transcription factor p65'
3 water water
#
loop_
_entity_poly.entity_id
_entity_poly.type
_entity_poly.pdbx_seq_one_letter_code
_entity_poly.pdbx_strand_id
1 'polypeptide(L)'
;NQGTVNWSVEDIVKGINSNNLESQLQATQAARKLLSREKQPPIDNIIRAGLIPKFVSFLGKTDCSPIQFESAWALTNIAS
GTSEQTKAVVDGGAIPAFISLLASPHAHISEQAVWALGNIAGDGSAFRDLVIKHGAIDPLLALLAVPDLSTLACGYLRNL
TWTLSNLCRNKNPAPPLDAVEQILPTLVRLLHHNDPEVLADSCWAISYLTDGPNERIEMVVKKGVVPQLVKLLGATELPI
VTPALRAIGNIVTGTDEQTQKVIDAGALAVFPSLLTNPKTNIQKEATWTMSNITAGRQDQIQQVVNHGLVPFLVGVLSKA
DFKTQKEAAWAITNYTSGGTVEQIVYLVHCGIIEPLMNLLSAKDTKIIQVILDAISNIFQAAEKLGETEKLSIMIEECGG
LDKIEALQRHENESVYKASLNLIEKYFS
;
E
2 'polypeptide(L)' DRHRIEEKRKRTYETFKSIMKK B,C
#
# COMPACT_ATOMS: atom_id res chain seq x y z
N ASN A 6 -9.63 23.42 -31.02
CA ASN A 6 -10.59 22.40 -31.44
C ASN A 6 -10.26 21.87 -32.83
N TRP A 7 -9.06 21.32 -32.99
CA TRP A 7 -8.69 20.75 -34.28
C TRP A 7 -9.24 19.33 -34.42
N SER A 8 -9.28 18.87 -35.67
CA SER A 8 -9.55 17.48 -35.98
C SER A 8 -8.24 16.72 -36.01
N VAL A 9 -8.34 15.38 -35.93
CA VAL A 9 -7.13 14.57 -36.03
C VAL A 9 -6.53 14.70 -37.42
N GLU A 10 -7.38 14.83 -38.45
CA GLU A 10 -6.90 15.02 -39.82
C GLU A 10 -6.00 16.26 -39.89
N ASP A 11 -6.48 17.39 -39.39
CA ASP A 11 -5.67 18.61 -39.42
C ASP A 11 -4.37 18.45 -38.66
N ILE A 12 -4.39 17.76 -37.52
CA ILE A 12 -3.16 17.57 -36.75
C ILE A 12 -2.15 16.78 -37.57
N VAL A 13 -2.60 15.73 -38.26
CA VAL A 13 -1.68 14.91 -39.02
C VAL A 13 -1.11 15.72 -40.18
N LYS A 14 -1.95 16.51 -40.86
CA LYS A 14 -1.46 17.38 -41.93
C LYS A 14 -0.38 18.32 -41.42
N GLY A 15 -0.60 18.93 -40.25
CA GLY A 15 0.41 19.80 -39.68
C GLY A 15 1.70 19.08 -39.33
N ILE A 16 1.59 17.91 -38.69
CA ILE A 16 2.78 17.14 -38.33
C ILE A 16 3.57 16.73 -39.56
N ASN A 17 2.88 16.44 -40.67
CA ASN A 17 3.54 16.02 -41.90
C ASN A 17 3.92 17.19 -42.80
N SER A 18 3.68 18.43 -42.36
CA SER A 18 3.92 19.58 -43.21
C SER A 18 5.40 19.82 -43.44
N ASN A 19 6.25 19.34 -42.54
CA ASN A 19 7.69 19.61 -42.59
C ASN A 19 7.96 21.11 -42.52
N ASN A 20 7.19 21.79 -41.68
CA ASN A 20 7.40 23.17 -41.28
C ASN A 20 7.42 23.20 -39.76
N LEU A 21 8.53 23.65 -39.19
CA LEU A 21 8.72 23.48 -37.75
C LEU A 21 7.63 24.17 -36.94
N GLU A 22 7.18 25.34 -37.38
CA GLU A 22 6.13 26.06 -36.64
C GLU A 22 4.76 25.45 -36.88
N SER A 23 4.49 24.97 -38.09
CA SER A 23 3.25 24.23 -38.31
C SER A 23 3.20 22.98 -37.44
N GLN A 24 4.33 22.27 -37.34
CA GLN A 24 4.41 21.10 -36.48
C GLN A 24 4.17 21.45 -35.01
N LEU A 25 4.78 22.55 -34.54
CA LEU A 25 4.51 23.01 -33.18
C LEU A 25 3.02 23.24 -32.96
N GLN A 26 2.39 23.97 -33.87
CA GLN A 26 0.98 24.28 -33.72
C GLN A 26 0.14 23.02 -33.71
N ALA A 27 0.40 22.09 -34.64
CA ALA A 27 -0.31 20.82 -34.62
C ALA A 27 -0.06 20.07 -33.33
N THR A 28 1.18 20.08 -32.84
CA THR A 28 1.48 19.39 -31.59
C THR A 28 0.77 20.03 -30.40
N GLN A 29 0.76 21.36 -30.35
CA GLN A 29 -0.06 22.07 -29.37
C GLN A 29 -1.52 21.67 -29.44
N ALA A 30 -2.06 21.55 -30.66
CA ALA A 30 -3.46 21.14 -30.80
C ALA A 30 -3.67 19.73 -30.29
N ALA A 31 -2.71 18.82 -30.57
CA ALA A 31 -2.83 17.46 -30.04
C ALA A 31 -2.80 17.48 -28.51
N ARG A 32 -1.92 18.29 -27.93
CA ARG A 32 -1.89 18.43 -26.49
C ARG A 32 -3.25 18.87 -25.96
N LYS A 33 -3.82 19.93 -26.55
CA LYS A 33 -5.11 20.42 -26.10
C LYS A 33 -6.19 19.36 -26.23
N LEU A 34 -6.08 18.48 -27.24
CA LEU A 34 -7.06 17.40 -27.39
C LEU A 34 -6.91 16.35 -26.29
N LEU A 35 -5.68 15.90 -26.05
CA LEU A 35 -5.44 14.88 -25.02
C LEU A 35 -5.55 15.44 -23.62
N SER A 36 -5.69 16.78 -23.51
CA SER A 36 -5.82 17.52 -22.26
C SER A 36 -7.26 17.65 -21.78
N ARG A 37 -8.25 17.37 -22.61
CA ARG A 37 -9.63 17.64 -22.20
C ARG A 37 -10.13 16.58 -21.22
N GLU A 38 -11.05 17.00 -20.34
CA GLU A 38 -11.57 16.11 -19.32
C GLU A 38 -12.44 15.02 -19.92
N LYS A 39 -13.37 15.41 -20.80
CA LYS A 39 -14.14 14.43 -21.56
C LYS A 39 -13.21 13.55 -22.38
N GLN A 40 -13.66 12.31 -22.64
CA GLN A 40 -12.83 11.24 -23.21
C GLN A 40 -11.97 11.72 -24.37
N PRO A 41 -10.65 11.70 -24.20
CA PRO A 41 -9.75 12.15 -25.27
C PRO A 41 -9.70 11.13 -26.38
N PRO A 42 -9.32 11.53 -27.58
CA PRO A 42 -9.18 10.58 -28.70
C PRO A 42 -7.77 9.99 -28.75
N ILE A 43 -7.41 9.28 -27.68
CA ILE A 43 -6.06 8.73 -27.58
C ILE A 43 -5.81 7.71 -28.69
N ASP A 44 -6.70 6.72 -28.82
CA ASP A 44 -6.48 5.67 -29.81
C ASP A 44 -6.48 6.25 -31.23
N ASN A 45 -7.29 7.27 -31.48
CA ASN A 45 -7.26 7.97 -32.75
C ASN A 45 -5.87 8.51 -33.08
N ILE A 46 -5.22 9.14 -32.09
CA ILE A 46 -3.89 9.72 -32.30
C ILE A 46 -2.85 8.62 -32.45
N ILE A 47 -3.00 7.53 -31.71
CA ILE A 47 -2.10 6.40 -31.84
C ILE A 47 -2.18 5.83 -33.24
N ARG A 48 -3.41 5.64 -33.73
CA ARG A 48 -3.65 4.99 -35.02
C ARG A 48 -3.12 5.83 -36.17
N ALA A 49 -3.03 7.15 -35.97
CA ALA A 49 -2.59 8.05 -37.02
C ALA A 49 -1.09 8.01 -37.26
N GLY A 50 -0.34 7.36 -36.39
CA GLY A 50 1.10 7.30 -36.52
C GLY A 50 1.82 8.47 -35.91
N LEU A 51 1.16 9.23 -35.05
CA LEU A 51 1.73 10.47 -34.52
C LEU A 51 2.74 10.24 -33.40
N ILE A 52 2.80 9.05 -32.81
CA ILE A 52 3.66 8.85 -31.64
C ILE A 52 5.13 8.89 -32.01
N PRO A 53 5.59 8.24 -33.09
CA PRO A 53 7.01 8.41 -33.46
C PRO A 53 7.36 9.85 -33.76
N LYS A 54 6.45 10.61 -34.37
CA LYS A 54 6.74 12.02 -34.63
C LYS A 54 6.85 12.80 -33.34
N PHE A 55 5.98 12.52 -32.37
CA PHE A 55 6.09 13.17 -31.06
C PHE A 55 7.40 12.83 -30.39
N VAL A 56 7.80 11.56 -30.43
CA VAL A 56 9.05 11.14 -29.81
C VAL A 56 10.23 11.85 -30.48
N SER A 57 10.18 12.01 -31.80
CA SER A 57 11.28 12.70 -32.48
C SER A 57 11.29 14.18 -32.14
N PHE A 58 10.13 14.76 -31.89
CA PHE A 58 10.09 16.15 -31.47
C PHE A 58 10.70 16.34 -30.09
N LEU A 59 10.74 15.29 -29.26
CA LEU A 59 11.32 15.41 -27.93
C LEU A 59 12.78 15.81 -27.99
N GLY A 60 13.47 15.50 -29.09
CA GLY A 60 14.87 15.81 -29.25
C GLY A 60 15.21 17.05 -30.05
N LYS A 61 14.23 17.89 -30.40
CA LYS A 61 14.49 19.16 -31.07
C LYS A 61 14.89 20.19 -30.02
N THR A 62 16.18 20.17 -29.65
CA THR A 62 16.69 21.07 -28.62
C THR A 62 16.60 22.53 -29.02
N ASP A 63 16.56 22.86 -30.32
CA ASP A 63 16.37 24.25 -30.74
C ASP A 63 14.98 24.78 -30.42
N CYS A 64 13.93 23.97 -30.57
CA CYS A 64 12.57 24.44 -30.33
C CYS A 64 12.08 23.86 -29.00
N SER A 65 12.38 24.56 -27.91
CA SER A 65 11.90 24.09 -26.61
C SER A 65 10.38 24.00 -26.52
N PRO A 66 9.57 24.87 -27.15
CA PRO A 66 8.11 24.67 -27.02
C PRO A 66 7.60 23.37 -27.62
N ILE A 67 8.17 22.91 -28.74
CA ILE A 67 7.69 21.66 -29.31
C ILE A 67 8.15 20.48 -28.48
N GLN A 68 9.30 20.60 -27.79
CA GLN A 68 9.68 19.60 -26.81
C GLN A 68 8.63 19.51 -25.72
N PHE A 69 8.21 20.66 -25.20
CA PHE A 69 7.26 20.69 -24.11
C PHE A 69 5.91 20.11 -24.55
N GLU A 70 5.44 20.51 -25.74
CA GLU A 70 4.14 20.06 -26.21
C GLU A 70 4.13 18.56 -26.49
N SER A 71 5.22 18.04 -27.07
CA SER A 71 5.28 16.61 -27.33
C SER A 71 5.31 15.84 -26.03
N ALA A 72 6.16 16.27 -25.09
CA ALA A 72 6.21 15.64 -23.79
C ALA A 72 4.83 15.57 -23.17
N TRP A 73 4.12 16.70 -23.16
CA TRP A 73 2.79 16.73 -22.57
C TRP A 73 1.84 15.77 -23.28
N ALA A 74 1.81 15.83 -24.61
CA ALA A 74 0.97 14.93 -25.39
C ALA A 74 1.32 13.48 -25.10
N LEU A 75 2.61 13.14 -25.16
CA LEU A 75 3.02 11.76 -24.89
C LEU A 75 2.64 11.35 -23.47
N THR A 76 2.84 12.26 -22.51
CA THR A 76 2.44 11.98 -21.14
C THR A 76 0.98 11.56 -21.06
N ASN A 77 0.10 12.30 -21.75
CA ASN A 77 -1.33 11.99 -21.65
C ASN A 77 -1.69 10.72 -22.38
N ILE A 78 -0.96 10.39 -23.46
CA ILE A 78 -1.17 9.09 -24.10
C ILE A 78 -0.72 7.97 -23.17
N ALA A 79 0.41 8.17 -22.49
CA ALA A 79 0.91 7.16 -21.56
C ALA A 79 0.09 7.05 -20.28
N SER A 80 -0.75 8.05 -19.97
CA SER A 80 -1.56 8.03 -18.77
C SER A 80 -2.74 7.09 -18.85
N GLY A 81 -2.99 6.46 -20.00
CA GLY A 81 -4.19 5.67 -20.20
C GLY A 81 -4.04 4.17 -19.99
N THR A 82 -4.51 3.38 -20.95
CA THR A 82 -4.51 1.93 -20.80
C THR A 82 -3.08 1.40 -21.00
N SER A 83 -2.89 0.13 -20.68
CA SER A 83 -1.57 -0.45 -20.83
C SER A 83 -1.18 -0.59 -22.30
N GLU A 84 -2.16 -0.81 -23.19
CA GLU A 84 -1.85 -0.83 -24.61
C GLU A 84 -1.36 0.53 -25.08
N GLN A 85 -1.94 1.60 -24.52
CA GLN A 85 -1.55 2.95 -24.93
C GLN A 85 -0.16 3.30 -24.39
N THR A 86 0.15 2.92 -23.14
CA THR A 86 1.50 3.10 -22.63
C THR A 86 2.49 2.27 -23.45
N LYS A 87 2.12 1.05 -23.79
CA LYS A 87 2.96 0.24 -24.67
C LYS A 87 3.28 1.01 -25.95
N ALA A 88 2.26 1.61 -26.57
CA ALA A 88 2.51 2.35 -27.81
C ALA A 88 3.55 3.44 -27.61
N VAL A 89 3.47 4.16 -26.49
CA VAL A 89 4.43 5.21 -26.22
C VAL A 89 5.83 4.64 -26.03
N VAL A 90 5.96 3.54 -25.29
CA VAL A 90 7.28 2.94 -25.12
C VAL A 90 7.80 2.42 -26.44
N ASP A 91 6.93 1.86 -27.28
CA ASP A 91 7.37 1.32 -28.57
C ASP A 91 7.87 2.40 -29.52
N GLY A 92 7.50 3.66 -29.31
CA GLY A 92 8.02 4.74 -30.13
C GLY A 92 9.42 5.20 -29.80
N GLY A 93 10.07 4.55 -28.83
CA GLY A 93 11.37 4.97 -28.35
C GLY A 93 11.36 6.06 -27.32
N ALA A 94 10.25 6.21 -26.58
CA ALA A 94 10.06 7.38 -25.73
C ALA A 94 10.92 7.32 -24.47
N ILE A 95 11.28 6.13 -24.00
CA ILE A 95 11.96 6.02 -22.71
C ILE A 95 13.32 6.71 -22.77
N PRO A 96 14.24 6.33 -23.67
CA PRO A 96 15.55 7.01 -23.67
C PRO A 96 15.44 8.50 -23.92
N ALA A 97 14.45 8.92 -24.72
CA ALA A 97 14.32 10.34 -25.04
C ALA A 97 13.84 11.14 -23.85
N PHE A 98 12.94 10.56 -23.05
CA PHE A 98 12.52 11.24 -21.84
C PHE A 98 13.64 11.29 -20.82
N ILE A 99 14.47 10.25 -20.77
CA ILE A 99 15.62 10.31 -19.88
C ILE A 99 16.60 11.38 -20.37
N SER A 100 16.72 11.56 -21.69
CA SER A 100 17.59 12.64 -22.18
C SER A 100 17.03 13.99 -21.80
N LEU A 101 15.69 14.12 -21.82
CA LEU A 101 15.04 15.39 -21.51
C LEU A 101 15.08 15.71 -20.02
N LEU A 102 15.33 14.73 -19.16
CA LEU A 102 15.44 15.04 -17.74
C LEU A 102 16.47 16.14 -17.51
N ALA A 103 17.49 16.23 -18.37
CA ALA A 103 18.56 17.20 -18.23
C ALA A 103 18.27 18.52 -18.95
N SER A 104 17.02 18.76 -19.34
CA SER A 104 16.68 20.00 -19.99
C SER A 104 16.93 21.18 -19.05
N PRO A 105 17.40 22.31 -19.58
CA PRO A 105 17.58 23.50 -18.73
C PRO A 105 16.27 24.18 -18.37
N HIS A 106 15.14 23.75 -18.94
CA HIS A 106 13.85 24.34 -18.67
C HIS A 106 13.09 23.45 -17.69
N ALA A 107 12.63 24.04 -16.58
CA ALA A 107 12.07 23.24 -15.50
C ALA A 107 10.81 22.51 -15.93
N HIS A 108 9.93 23.17 -16.70
CA HIS A 108 8.66 22.55 -17.06
C HIS A 108 8.84 21.37 -18.02
N ILE A 109 9.92 21.39 -18.79
CA ILE A 109 10.15 20.29 -19.72
C ILE A 109 10.72 19.07 -18.99
N SER A 110 11.69 19.28 -18.10
CA SER A 110 12.17 18.17 -17.27
C SER A 110 11.11 17.65 -16.33
N GLU A 111 10.27 18.54 -15.80
CA GLU A 111 9.11 18.10 -15.03
C GLU A 111 8.22 17.19 -15.88
N GLN A 112 7.98 17.55 -17.14
CA GLN A 112 7.13 16.73 -17.99
C GLN A 112 7.79 15.39 -18.29
N ALA A 113 9.11 15.37 -18.45
CA ALA A 113 9.79 14.09 -18.64
C ALA A 113 9.72 13.23 -17.38
N VAL A 114 9.76 13.87 -16.20
CA VAL A 114 9.59 13.11 -14.97
C VAL A 114 8.20 12.51 -14.93
N TRP A 115 7.19 13.31 -15.25
CA TRP A 115 5.82 12.83 -15.25
C TRP A 115 5.67 11.64 -16.18
N ALA A 116 6.19 11.76 -17.40
CA ALA A 116 6.04 10.71 -18.40
C ALA A 116 6.69 9.42 -17.93
N LEU A 117 7.94 9.51 -17.47
CA LEU A 117 8.62 8.34 -16.96
C LEU A 117 7.85 7.71 -15.81
N GLY A 118 7.22 8.53 -14.97
CA GLY A 118 6.42 8.00 -13.90
C GLY A 118 5.19 7.26 -14.40
N ASN A 119 4.52 7.80 -15.41
CA ASN A 119 3.39 7.11 -16.01
C ASN A 119 3.82 5.77 -16.60
N ILE A 120 4.95 5.77 -17.32
CA ILE A 120 5.43 4.55 -17.97
C ILE A 120 5.76 3.49 -16.93
N ALA A 121 6.53 3.87 -15.91
CA ALA A 121 6.94 2.90 -14.89
C ALA A 121 5.75 2.41 -14.07
N GLY A 122 4.71 3.21 -13.94
CA GLY A 122 3.56 2.80 -13.16
C GLY A 122 2.68 1.79 -13.84
N ASP A 123 3.00 1.41 -15.08
CA ASP A 123 2.12 0.47 -15.78
C ASP A 123 2.26 -0.95 -15.24
N GLY A 124 3.43 -1.30 -14.72
CA GLY A 124 3.62 -2.64 -14.19
C GLY A 124 5.10 -2.93 -14.06
N SER A 125 5.39 -4.18 -13.70
CA SER A 125 6.76 -4.61 -13.44
C SER A 125 7.65 -4.40 -14.65
N ALA A 126 7.17 -4.78 -15.84
CA ALA A 126 8.03 -4.86 -17.01
C ALA A 126 8.50 -3.48 -17.46
N PHE A 127 7.60 -2.50 -17.50
CA PHE A 127 8.01 -1.15 -17.88
C PHE A 127 8.79 -0.48 -16.77
N ARG A 128 8.49 -0.84 -15.51
CA ARG A 128 9.31 -0.30 -14.43
C ARG A 128 10.76 -0.71 -14.61
N ASP A 129 11.05 -1.98 -14.88
CA ASP A 129 12.46 -2.31 -14.97
C ASP A 129 13.04 -1.82 -16.29
N LEU A 130 12.19 -1.67 -17.32
CA LEU A 130 12.68 -1.12 -18.58
C LEU A 130 13.15 0.32 -18.40
N VAL A 131 12.45 1.11 -17.58
CA VAL A 131 12.89 2.47 -17.28
C VAL A 131 14.18 2.43 -16.48
N ILE A 132 14.29 1.51 -15.52
CA ILE A 132 15.47 1.42 -14.68
C ILE A 132 16.68 1.01 -15.49
N LYS A 133 16.51 0.09 -16.45
CA LYS A 133 17.64 -0.36 -17.27
C LYS A 133 18.13 0.75 -18.19
N HIS A 134 17.23 1.64 -18.62
CA HIS A 134 17.69 2.76 -19.44
C HIS A 134 18.44 3.81 -18.63
N GLY A 135 18.55 3.65 -17.31
CA GLY A 135 19.32 4.57 -16.50
C GLY A 135 18.59 5.81 -16.05
N ALA A 136 17.27 5.74 -15.85
CA ALA A 136 16.53 6.90 -15.39
C ALA A 136 16.87 7.29 -13.96
N ILE A 137 17.29 6.34 -13.13
CA ILE A 137 17.41 6.59 -11.70
C ILE A 137 18.51 7.61 -11.41
N ASP A 138 19.63 7.55 -12.12
CA ASP A 138 20.72 8.50 -11.85
C ASP A 138 20.29 9.95 -12.07
N PRO A 139 19.79 10.35 -13.24
CA PRO A 139 19.37 11.76 -13.38
C PRO A 139 18.15 12.10 -12.57
N LEU A 140 17.27 11.13 -12.28
CA LEU A 140 16.11 11.43 -11.45
C LEU A 140 16.52 11.86 -10.05
N LEU A 141 17.46 11.12 -9.44
CA LEU A 141 17.93 11.50 -8.13
C LEU A 141 18.80 12.74 -8.20
N ALA A 142 19.48 12.94 -9.33
CA ALA A 142 20.32 14.12 -9.50
C ALA A 142 19.52 15.41 -9.53
N LEU A 143 18.23 15.33 -9.87
CA LEU A 143 17.37 16.51 -9.84
C LEU A 143 17.03 16.94 -8.42
N LEU A 144 17.33 16.11 -7.43
CA LEU A 144 17.08 16.41 -6.03
C LEU A 144 18.36 16.70 -5.26
N ALA A 145 19.48 16.85 -5.96
CA ALA A 145 20.77 17.08 -5.30
C ALA A 145 20.89 18.55 -4.87
N VAL A 146 20.01 18.94 -3.96
CA VAL A 146 20.03 20.29 -3.40
C VAL A 146 20.17 20.18 -1.88
N PRO A 147 20.84 21.13 -1.23
CA PRO A 147 20.94 21.07 0.23
C PRO A 147 19.58 21.12 0.91
N ASP A 148 18.68 22.00 0.46
CA ASP A 148 17.36 22.16 1.05
C ASP A 148 16.32 21.91 -0.02
N LEU A 149 15.46 20.91 0.19
CA LEU A 149 14.37 20.63 -0.73
C LEU A 149 13.37 21.78 -0.81
N SER A 150 13.31 22.65 0.21
CA SER A 150 12.34 23.75 0.15
C SER A 150 12.64 24.74 -0.96
N THR A 151 13.85 24.75 -1.51
CA THR A 151 14.16 25.67 -2.59
C THR A 151 13.59 25.21 -3.93
N LEU A 152 13.10 23.98 -4.00
CA LEU A 152 12.51 23.47 -5.23
C LEU A 152 11.06 23.89 -5.35
N ALA A 153 10.59 23.98 -6.59
CA ALA A 153 9.20 24.29 -6.82
C ALA A 153 8.33 23.17 -6.28
N CYS A 154 7.16 23.56 -5.75
CA CYS A 154 6.30 22.60 -5.07
C CYS A 154 5.88 21.46 -6.01
N GLY A 155 5.33 21.80 -7.18
CA GLY A 155 4.88 20.76 -8.11
C GLY A 155 6.00 19.90 -8.64
N TYR A 156 7.17 20.52 -8.88
CA TYR A 156 8.36 19.75 -9.26
C TYR A 156 8.65 18.64 -8.26
N LEU A 157 8.66 18.99 -6.97
CA LEU A 157 8.99 18.02 -5.95
C LEU A 157 7.95 16.92 -5.86
N ARG A 158 6.66 17.28 -5.94
CA ARG A 158 5.63 16.25 -5.87
C ARG A 158 5.73 15.28 -7.04
N ASN A 159 6.07 15.79 -8.23
CA ASN A 159 6.18 14.92 -9.40
C ASN A 159 7.34 13.96 -9.26
N LEU A 160 8.50 14.47 -8.83
CA LEU A 160 9.66 13.60 -8.60
C LEU A 160 9.34 12.55 -7.55
N THR A 161 8.69 12.95 -6.45
CA THR A 161 8.31 11.98 -5.44
C THR A 161 7.36 10.94 -6.02
N TRP A 162 6.37 11.40 -6.77
CA TRP A 162 5.40 10.46 -7.34
C TRP A 162 6.08 9.48 -8.30
N THR A 163 6.99 9.98 -9.14
CA THR A 163 7.70 9.09 -10.06
C THR A 163 8.62 8.14 -9.30
N LEU A 164 9.29 8.61 -8.25
CA LEU A 164 10.09 7.68 -7.45
C LEU A 164 9.22 6.60 -6.84
N SER A 165 8.03 6.95 -6.34
CA SER A 165 7.17 5.92 -5.79
C SER A 165 6.78 4.87 -6.85
N ASN A 166 6.43 5.26 -8.10
CA ASN A 166 6.16 4.13 -8.99
C ASN A 166 7.42 3.36 -9.35
N LEU A 167 8.60 3.93 -9.16
CA LEU A 167 9.78 3.13 -9.41
C LEU A 167 10.00 2.10 -8.32
N CYS A 168 9.37 2.29 -7.16
CA CYS A 168 9.45 1.35 -6.05
C CYS A 168 8.25 0.41 -6.01
N ARG A 169 7.37 0.47 -7.01
CA ARG A 169 6.06 -0.13 -6.93
C ARG A 169 6.05 -1.46 -7.69
N ASN A 170 4.94 -2.20 -7.54
CA ASN A 170 4.66 -3.40 -8.31
C ASN A 170 5.66 -4.50 -8.05
N LYS A 171 5.35 -5.35 -7.08
CA LYS A 171 6.00 -6.64 -6.90
C LYS A 171 5.58 -7.64 -8.01
N ASN A 172 6.13 -8.87 -7.88
CA ASN A 172 6.29 -9.95 -8.87
C ASN A 172 6.69 -9.45 -10.24
N PRO A 173 7.99 -9.20 -10.48
CA PRO A 173 9.05 -9.23 -9.48
C PRO A 173 9.23 -7.87 -8.81
N ALA A 174 9.76 -7.86 -7.59
CA ALA A 174 10.00 -6.61 -6.89
C ALA A 174 11.13 -5.83 -7.57
N PRO A 175 11.27 -4.54 -7.26
CA PRO A 175 12.32 -3.76 -7.92
C PRO A 175 13.69 -4.31 -7.56
N PRO A 176 14.66 -4.18 -8.46
CA PRO A 176 16.00 -4.68 -8.17
C PRO A 176 16.60 -4.04 -6.93
N LEU A 177 17.36 -4.85 -6.18
CA LEU A 177 17.96 -4.40 -4.91
C LEU A 177 18.91 -3.23 -5.10
N ASP A 178 19.83 -3.33 -6.07
CA ASP A 178 20.69 -2.19 -6.38
C ASP A 178 19.93 -0.91 -6.69
N ALA A 179 18.70 -1.01 -7.19
CA ALA A 179 17.93 0.21 -7.39
C ALA A 179 17.31 0.70 -6.10
N VAL A 180 16.84 -0.22 -5.26
CA VAL A 180 16.24 0.19 -3.99
C VAL A 180 17.29 0.87 -3.13
N GLU A 181 18.52 0.35 -3.11
CA GLU A 181 19.54 1.03 -2.31
C GLU A 181 19.90 2.37 -2.90
N GLN A 182 19.82 2.52 -4.22
CA GLN A 182 20.13 3.81 -4.80
C GLN A 182 19.03 4.83 -4.50
N ILE A 183 17.79 4.38 -4.37
CA ILE A 183 16.71 5.35 -4.13
C ILE A 183 16.54 5.66 -2.65
N LEU A 184 16.81 4.69 -1.78
CA LEU A 184 16.40 4.80 -0.37
C LEU A 184 16.86 6.06 0.37
N PRO A 185 18.11 6.55 0.24
CA PRO A 185 18.46 7.78 0.98
C PRO A 185 17.69 9.01 0.53
N THR A 186 17.45 9.15 -0.78
CA THR A 186 16.56 10.20 -1.23
C THR A 186 15.15 10.00 -0.71
N LEU A 187 14.71 8.75 -0.65
CA LEU A 187 13.35 8.47 -0.18
C LEU A 187 13.22 8.90 1.27
N VAL A 188 14.23 8.62 2.10
CA VAL A 188 14.22 9.07 3.49
C VAL A 188 14.17 10.58 3.58
N ARG A 189 14.94 11.26 2.73
CA ARG A 189 14.95 12.72 2.77
C ARG A 189 13.58 13.29 2.42
N LEU A 190 12.86 12.65 1.49
CA LEU A 190 11.51 13.10 1.17
C LEU A 190 10.53 12.76 2.28
N LEU A 191 10.77 11.67 3.00
CA LEU A 191 9.88 11.28 4.09
C LEU A 191 9.96 12.23 5.27
N HIS A 192 11.00 13.06 5.36
CA HIS A 192 11.11 14.07 6.40
C HIS A 192 10.70 15.45 5.93
N HIS A 193 10.46 15.60 4.62
CA HIS A 193 10.06 16.86 4.03
C HIS A 193 8.63 17.23 4.44
N ASN A 194 8.40 18.51 4.67
CA ASN A 194 7.11 18.98 5.20
C ASN A 194 6.22 19.48 4.04
N ASP A 195 5.60 18.52 3.35
CA ASP A 195 4.57 18.71 2.31
C ASP A 195 3.63 17.53 2.41
N PRO A 196 2.34 17.74 2.66
CA PRO A 196 1.43 16.60 2.81
C PRO A 196 1.45 15.65 1.62
N GLU A 197 1.57 16.12 0.38
CA GLU A 197 1.53 15.15 -0.71
C GLU A 197 2.89 14.46 -0.90
N VAL A 198 4.00 15.17 -0.70
CA VAL A 198 5.30 14.51 -0.75
C VAL A 198 5.38 13.44 0.33
N LEU A 199 4.78 13.71 1.49
CA LEU A 199 4.78 12.71 2.56
C LEU A 199 3.92 11.50 2.20
N ALA A 200 2.74 11.73 1.63
CA ALA A 200 1.89 10.62 1.22
C ALA A 200 2.62 9.71 0.22
N ASP A 201 3.15 10.30 -0.85
CA ASP A 201 3.82 9.49 -1.86
C ASP A 201 5.03 8.76 -1.28
N SER A 202 5.80 9.42 -0.41
CA SER A 202 6.95 8.76 0.22
C SER A 202 6.53 7.56 1.05
N CYS A 203 5.47 7.73 1.86
CA CYS A 203 4.97 6.62 2.67
C CYS A 203 4.46 5.50 1.76
N TRP A 204 3.78 5.86 0.66
CA TRP A 204 3.39 4.85 -0.31
C TRP A 204 4.60 4.09 -0.80
N ALA A 205 5.68 4.80 -1.14
CA ALA A 205 6.89 4.14 -1.60
C ALA A 205 7.46 3.21 -0.53
N ILE A 206 7.48 3.66 0.73
CA ILE A 206 7.96 2.79 1.79
C ILE A 206 7.07 1.58 1.91
N SER A 207 5.75 1.77 1.84
CA SER A 207 4.82 0.66 1.96
C SER A 207 5.00 -0.33 0.81
N TYR A 208 5.32 0.17 -0.38
CA TYR A 208 5.66 -0.73 -1.49
C TYR A 208 6.92 -1.52 -1.17
N LEU A 209 7.95 -0.84 -0.66
CA LEU A 209 9.22 -1.50 -0.39
C LEU A 209 9.14 -2.47 0.78
N THR A 210 8.18 -2.31 1.68
CA THR A 210 8.10 -3.18 2.85
C THR A 210 7.20 -4.40 2.62
N ASP A 211 6.60 -4.53 1.43
CA ASP A 211 5.71 -5.65 1.13
C ASP A 211 6.52 -6.78 0.50
N GLY A 212 6.72 -7.86 1.24
CA GLY A 212 7.45 -9.00 0.73
C GLY A 212 8.28 -9.71 1.79
N PRO A 213 9.35 -10.37 1.36
CA PRO A 213 10.19 -11.13 2.29
C PRO A 213 10.91 -10.21 3.27
N ASN A 214 11.40 -10.77 4.39
CA ASN A 214 11.80 -9.86 5.45
C ASN A 214 13.17 -9.24 5.20
N GLU A 215 13.89 -9.68 4.17
CA GLU A 215 15.11 -9.01 3.78
C GLU A 215 14.83 -7.59 3.32
N ARG A 216 13.74 -7.41 2.58
CA ARG A 216 13.41 -6.07 2.11
C ARG A 216 12.94 -5.19 3.24
N ILE A 217 12.16 -5.77 4.15
CA ILE A 217 11.74 -5.04 5.35
C ILE A 217 12.95 -4.56 6.12
N GLU A 218 13.94 -5.43 6.31
CA GLU A 218 15.14 -5.02 7.03
C GLU A 218 15.89 -3.93 6.29
N MET A 219 15.86 -3.99 4.96
CA MET A 219 16.54 -2.99 4.16
C MET A 219 15.96 -1.61 4.40
N VAL A 220 14.64 -1.53 4.58
CA VAL A 220 13.96 -0.27 4.84
C VAL A 220 14.19 0.18 6.28
N VAL A 221 14.14 -0.77 7.22
CA VAL A 221 14.23 -0.42 8.63
C VAL A 221 15.64 0.02 8.99
N LYS A 222 16.66 -0.58 8.37
CA LYS A 222 18.05 -0.21 8.65
C LYS A 222 18.35 1.24 8.30
N LYS A 223 17.51 1.90 7.51
CA LYS A 223 17.65 3.33 7.30
C LYS A 223 16.99 4.18 8.40
N GLY A 224 16.29 3.56 9.36
CA GLY A 224 15.80 4.27 10.52
C GLY A 224 14.51 5.03 10.34
N VAL A 225 13.65 4.60 9.42
CA VAL A 225 12.42 5.32 9.12
C VAL A 225 11.24 4.92 9.98
N VAL A 226 11.39 3.90 10.82
CA VAL A 226 10.28 3.48 11.68
C VAL A 226 9.82 4.60 12.61
N PRO A 227 10.72 5.33 13.29
CA PRO A 227 10.24 6.48 14.07
C PRO A 227 9.42 7.46 13.23
N GLN A 228 9.95 7.89 12.08
CA GLN A 228 9.21 8.80 11.24
C GLN A 228 7.88 8.22 10.78
N LEU A 229 7.82 6.91 10.51
CA LEU A 229 6.56 6.32 10.09
C LEU A 229 5.53 6.38 11.22
N VAL A 230 5.95 6.14 12.45
CA VAL A 230 5.02 6.20 13.57
C VAL A 230 4.55 7.64 13.81
N LYS A 231 5.44 8.60 13.65
CA LYS A 231 5.05 10.00 13.74
C LYS A 231 3.98 10.32 12.70
N LEU A 232 4.22 9.93 11.45
CA LEU A 232 3.25 10.17 10.40
C LEU A 232 1.95 9.42 10.65
N LEU A 233 2.03 8.29 11.36
CA LEU A 233 0.84 7.55 11.71
C LEU A 233 -0.16 8.41 12.47
N GLY A 234 0.31 9.39 13.23
CA GLY A 234 -0.59 10.24 13.95
C GLY A 234 -0.95 11.53 13.23
N ALA A 235 -0.65 11.61 11.93
CA ALA A 235 -0.97 12.84 11.23
C ALA A 235 -2.49 13.00 11.12
N THR A 236 -2.90 14.23 10.82
CA THR A 236 -4.32 14.53 10.67
C THR A 236 -4.81 14.33 9.25
N GLU A 237 -3.91 14.23 8.27
CA GLU A 237 -4.26 14.01 6.88
C GLU A 237 -4.41 12.50 6.66
N LEU A 238 -5.63 12.07 6.34
CA LEU A 238 -5.85 10.67 6.01
C LEU A 238 -5.00 10.18 4.83
N PRO A 239 -4.77 10.97 3.76
CA PRO A 239 -3.85 10.49 2.71
C PRO A 239 -2.44 10.23 3.20
N ILE A 240 -2.05 10.74 4.36
CA ILE A 240 -0.75 10.40 4.91
C ILE A 240 -0.84 9.20 5.84
N VAL A 241 -1.91 9.13 6.63
CA VAL A 241 -2.01 8.06 7.64
C VAL A 241 -2.18 6.71 6.95
N THR A 242 -2.96 6.66 5.87
CA THR A 242 -3.19 5.39 5.18
C THR A 242 -1.89 4.73 4.77
N PRO A 243 -1.03 5.33 3.95
CA PRO A 243 0.21 4.63 3.58
C PRO A 243 1.15 4.40 4.75
N ALA A 244 1.17 5.29 5.73
CA ALA A 244 2.01 5.05 6.90
C ALA A 244 1.58 3.77 7.62
N LEU A 245 0.27 3.63 7.84
CA LEU A 245 -0.26 2.45 8.50
C LEU A 245 0.02 1.18 7.71
N ARG A 246 0.01 1.27 6.38
CA ARG A 246 0.31 0.09 5.57
C ARG A 246 1.78 -0.29 5.67
N ALA A 247 2.67 0.70 5.65
CA ALA A 247 4.08 0.42 5.83
C ALA A 247 4.35 -0.17 7.22
N ILE A 248 3.70 0.39 8.25
CA ILE A 248 3.83 -0.17 9.59
C ILE A 248 3.32 -1.61 9.61
N GLY A 249 2.13 -1.83 9.05
CA GLY A 249 1.57 -3.16 9.00
C GLY A 249 2.44 -4.14 8.24
N ASN A 250 3.11 -3.65 7.18
CA ASN A 250 4.03 -4.51 6.45
C ASN A 250 5.27 -4.83 7.27
N ILE A 251 5.74 -3.88 8.08
CA ILE A 251 6.96 -4.09 8.85
C ILE A 251 6.74 -5.10 9.96
N VAL A 252 5.54 -5.14 10.55
CA VAL A 252 5.29 -6.07 11.65
C VAL A 252 4.93 -7.45 11.12
N THR A 253 5.16 -7.70 9.83
CA THR A 253 5.03 -9.06 9.33
C THR A 253 6.35 -9.81 9.31
N GLY A 254 7.45 -9.13 9.64
CA GLY A 254 8.76 -9.73 9.64
C GLY A 254 9.13 -10.31 10.98
N THR A 255 10.44 -10.37 11.23
CA THR A 255 10.93 -10.93 12.46
C THR A 255 10.39 -10.14 13.65
N ASP A 256 10.43 -10.79 14.82
CA ASP A 256 10.05 -10.12 16.06
C ASP A 256 10.95 -8.94 16.35
N GLU A 257 12.14 -8.91 15.76
CA GLU A 257 13.01 -7.78 16.05
C GLU A 257 12.56 -6.55 15.29
N GLN A 258 12.01 -6.74 14.08
CA GLN A 258 11.43 -5.62 13.36
C GLN A 258 10.14 -5.15 14.01
N THR A 259 9.28 -6.09 14.44
CA THR A 259 8.10 -5.72 15.21
C THR A 259 8.44 -4.91 16.44
N GLN A 260 9.46 -5.35 17.19
CA GLN A 260 9.91 -4.57 18.34
C GLN A 260 10.30 -3.18 17.90
N LYS A 261 11.04 -3.06 16.80
CA LYS A 261 11.57 -1.75 16.49
C LYS A 261 10.38 -0.82 16.17
N VAL A 262 9.24 -1.40 15.74
CA VAL A 262 8.00 -0.66 15.60
C VAL A 262 7.45 -0.25 16.95
N ILE A 263 7.27 -1.23 17.85
CA ILE A 263 6.66 -0.97 19.15
C ILE A 263 7.44 0.10 19.91
N ASP A 264 8.77 -0.01 19.90
CA ASP A 264 9.61 0.93 20.61
C ASP A 264 9.43 2.36 20.12
N ALA A 265 9.12 2.52 18.83
CA ALA A 265 8.87 3.85 18.28
C ALA A 265 7.60 4.48 18.84
N GLY A 266 6.79 3.74 19.58
CA GLY A 266 5.57 4.25 20.15
C GLY A 266 4.32 3.94 19.36
N ALA A 267 4.37 2.97 18.45
CA ALA A 267 3.25 2.75 17.54
C ALA A 267 1.98 2.37 18.28
N LEU A 268 2.10 1.61 19.37
CA LEU A 268 0.89 1.11 19.99
C LEU A 268 0.03 2.24 20.57
N ALA A 269 0.62 3.38 20.89
CA ALA A 269 -0.15 4.46 21.50
C ALA A 269 -1.14 5.09 20.53
N VAL A 270 -0.91 5.02 19.22
CA VAL A 270 -1.84 5.60 18.26
C VAL A 270 -3.00 4.65 17.95
N PHE A 271 -2.87 3.37 18.29
CA PHE A 271 -3.87 2.38 17.89
C PHE A 271 -5.26 2.53 18.51
N PRO A 272 -5.41 3.15 19.68
CA PRO A 272 -6.77 3.45 20.12
C PRO A 272 -7.52 4.33 19.14
N SER A 273 -6.84 5.26 18.48
CA SER A 273 -7.50 6.05 17.43
C SER A 273 -7.78 5.20 16.21
N LEU A 274 -6.78 4.45 15.75
CA LEU A 274 -6.91 3.68 14.52
C LEU A 274 -7.97 2.60 14.64
N LEU A 275 -8.11 2.01 15.82
CA LEU A 275 -9.13 1.00 16.00
C LEU A 275 -10.52 1.57 16.19
N THR A 276 -10.66 2.89 16.34
CA THR A 276 -11.97 3.54 16.35
C THR A 276 -12.12 4.54 15.20
N ASN A 277 -11.28 4.42 14.17
CA ASN A 277 -11.32 5.36 13.06
C ASN A 277 -12.62 5.21 12.27
N PRO A 278 -13.24 6.33 11.84
CA PRO A 278 -14.50 6.22 11.09
C PRO A 278 -14.34 5.57 9.73
N LYS A 279 -13.12 5.52 9.19
CA LYS A 279 -12.86 4.95 7.88
C LYS A 279 -12.62 3.46 8.03
N THR A 280 -13.51 2.64 7.43
CA THR A 280 -13.44 1.20 7.60
C THR A 280 -12.07 0.65 7.24
N ASN A 281 -11.47 1.16 6.16
CA ASN A 281 -10.19 0.61 5.72
C ASN A 281 -9.09 0.89 6.74
N ILE A 282 -9.13 2.05 7.41
CA ILE A 282 -8.16 2.32 8.46
C ILE A 282 -8.34 1.36 9.62
N GLN A 283 -9.61 1.07 9.98
CA GLN A 283 -9.87 0.10 11.03
C GLN A 283 -9.35 -1.28 10.64
N LYS A 284 -9.65 -1.72 9.41
CA LYS A 284 -9.21 -3.03 8.94
C LYS A 284 -7.70 -3.14 8.96
N GLU A 285 -6.99 -2.14 8.44
CA GLU A 285 -5.52 -2.19 8.42
C GLU A 285 -4.95 -2.18 9.83
N ALA A 286 -5.55 -1.42 10.74
CA ALA A 286 -5.04 -1.35 12.11
C ALA A 286 -5.27 -2.66 12.85
N THR A 287 -6.42 -3.30 12.62
CA THR A 287 -6.71 -4.58 13.26
C THR A 287 -5.80 -5.67 12.71
N TRP A 288 -5.57 -5.65 11.40
CA TRP A 288 -4.64 -6.61 10.80
C TRP A 288 -3.24 -6.45 11.39
N THR A 289 -2.78 -5.20 11.52
CA THR A 289 -1.50 -4.94 12.17
C THR A 289 -1.50 -5.50 13.59
N MET A 290 -2.60 -5.30 14.32
CA MET A 290 -2.69 -5.85 15.66
C MET A 290 -2.51 -7.37 15.64
N SER A 291 -3.11 -8.04 14.65
CA SER A 291 -3.06 -9.49 14.62
C SER A 291 -1.64 -9.99 14.39
N ASN A 292 -0.84 -9.26 13.63
CA ASN A 292 0.54 -9.67 13.47
C ASN A 292 1.41 -9.31 14.66
N ILE A 293 0.92 -8.46 15.56
CA ILE A 293 1.63 -8.21 16.79
C ILE A 293 1.28 -9.26 17.83
N THR A 294 0.02 -9.68 17.90
CA THR A 294 -0.34 -10.71 18.85
C THR A 294 0.22 -12.07 18.46
N ALA A 295 0.76 -12.20 17.26
CA ALA A 295 1.46 -13.41 16.87
C ALA A 295 2.95 -13.36 17.20
N GLY A 296 3.38 -12.35 17.96
CA GLY A 296 4.77 -12.20 18.37
C GLY A 296 5.09 -12.84 19.70
N ARG A 297 6.13 -12.33 20.37
CA ARG A 297 6.60 -12.93 21.59
C ARG A 297 5.69 -12.51 22.74
N GLN A 298 5.83 -13.15 23.89
CA GLN A 298 4.90 -12.90 24.99
C GLN A 298 5.07 -11.51 25.58
N ASP A 299 6.29 -10.96 25.58
CA ASP A 299 6.47 -9.59 26.08
C ASP A 299 5.83 -8.59 25.13
N GLN A 300 5.78 -8.91 23.82
CA GLN A 300 5.10 -8.05 22.87
C GLN A 300 3.59 -8.07 23.09
N ILE A 301 3.02 -9.25 23.31
CA ILE A 301 1.61 -9.32 23.71
C ILE A 301 1.38 -8.51 24.99
N GLN A 302 2.33 -8.57 25.93
CA GLN A 302 2.22 -7.78 27.15
C GLN A 302 2.21 -6.29 26.83
N GLN A 303 3.03 -5.86 25.87
CA GLN A 303 3.01 -4.45 25.48
C GLN A 303 1.63 -4.06 24.94
N VAL A 304 1.01 -4.93 24.15
CA VAL A 304 -0.35 -4.67 23.69
C VAL A 304 -1.30 -4.54 24.87
N VAL A 305 -1.19 -5.44 25.85
CA VAL A 305 -2.05 -5.41 27.02
C VAL A 305 -1.88 -4.09 27.77
N ASN A 306 -0.62 -3.73 28.06
CA ASN A 306 -0.33 -2.57 28.89
C ASN A 306 -0.85 -1.28 28.30
N HIS A 307 -1.03 -1.22 26.98
CA HIS A 307 -1.63 -0.04 26.35
C HIS A 307 -3.14 -0.07 26.36
N GLY A 308 -3.77 -1.04 27.02
CA GLY A 308 -5.21 -1.11 27.05
C GLY A 308 -5.85 -1.40 25.72
N LEU A 309 -5.11 -2.01 24.80
CA LEU A 309 -5.67 -2.31 23.48
C LEU A 309 -6.54 -3.55 23.47
N VAL A 310 -6.52 -4.39 24.51
CA VAL A 310 -7.41 -5.55 24.54
C VAL A 310 -8.87 -5.12 24.51
N PRO A 311 -9.33 -4.14 25.31
CA PRO A 311 -10.73 -3.70 25.17
C PRO A 311 -11.06 -3.18 23.79
N PHE A 312 -10.09 -2.57 23.09
CA PHE A 312 -10.35 -2.12 21.72
C PHE A 312 -10.47 -3.29 20.76
N LEU A 313 -9.67 -4.33 20.95
CA LEU A 313 -9.86 -5.53 20.14
C LEU A 313 -11.22 -6.14 20.39
N VAL A 314 -11.63 -6.20 21.65
CA VAL A 314 -12.97 -6.70 21.98
C VAL A 314 -14.04 -5.86 21.28
N GLY A 315 -13.86 -4.53 21.27
CA GLY A 315 -14.79 -3.68 20.55
C GLY A 315 -14.83 -3.94 19.06
N VAL A 316 -13.65 -4.13 18.45
CA VAL A 316 -13.61 -4.40 17.02
C VAL A 316 -14.26 -5.76 16.71
N LEU A 317 -14.07 -6.74 17.59
CA LEU A 317 -14.77 -8.01 17.41
C LEU A 317 -16.29 -7.88 17.59
N SER A 318 -16.75 -6.87 18.33
CA SER A 318 -18.17 -6.77 18.65
C SER A 318 -18.96 -6.12 17.53
N LYS A 319 -18.57 -4.90 17.15
CA LYS A 319 -19.28 -4.14 16.14
C LYS A 319 -18.25 -3.51 15.22
N ALA A 320 -18.12 -4.04 14.01
CA ALA A 320 -17.26 -3.45 13.00
C ALA A 320 -17.68 -3.99 11.64
N ASP A 321 -17.03 -3.48 10.59
CA ASP A 321 -17.12 -4.11 9.30
C ASP A 321 -16.70 -5.57 9.41
N PHE A 322 -17.34 -6.44 8.60
CA PHE A 322 -17.07 -7.87 8.73
C PHE A 322 -15.60 -8.21 8.47
N LYS A 323 -14.98 -7.53 7.50
CA LYS A 323 -13.56 -7.78 7.25
C LYS A 323 -12.72 -7.42 8.47
N THR A 324 -13.03 -6.29 9.12
CA THR A 324 -12.36 -5.91 10.36
C THR A 324 -12.61 -6.94 11.46
N GLN A 325 -13.84 -7.45 11.56
CA GLN A 325 -14.13 -8.47 12.55
C GLN A 325 -13.28 -9.72 12.31
N LYS A 326 -13.21 -10.16 11.05
CA LYS A 326 -12.37 -11.29 10.68
C LYS A 326 -10.91 -11.02 11.08
N GLU A 327 -10.42 -9.81 10.86
CA GLU A 327 -9.05 -9.51 11.28
C GLU A 327 -8.92 -9.55 12.78
N ALA A 328 -9.96 -9.10 13.48
CA ALA A 328 -9.92 -9.18 14.93
C ALA A 328 -9.91 -10.62 15.39
N ALA A 329 -10.67 -11.48 14.70
CA ALA A 329 -10.70 -12.88 15.07
C ALA A 329 -9.31 -13.50 14.93
N TRP A 330 -8.61 -13.18 13.84
CA TRP A 330 -7.23 -13.61 13.68
C TRP A 330 -6.37 -13.11 14.85
N ALA A 331 -6.54 -11.84 15.22
CA ALA A 331 -5.76 -11.28 16.32
C ALA A 331 -5.99 -12.07 17.60
N ILE A 332 -7.25 -12.42 17.88
CA ILE A 332 -7.56 -13.13 19.13
C ILE A 332 -7.01 -14.54 19.11
N THR A 333 -7.12 -15.25 17.98
CA THR A 333 -6.53 -16.58 17.85
C THR A 333 -5.01 -16.54 18.02
N ASN A 334 -4.34 -15.52 17.47
CA ASN A 334 -2.89 -15.43 17.65
C ASN A 334 -2.54 -15.08 19.09
N TYR A 335 -3.37 -14.25 19.72
CA TYR A 335 -3.16 -13.90 21.12
C TYR A 335 -3.31 -15.12 22.01
N THR A 336 -4.42 -15.86 21.84
CA THR A 336 -4.61 -17.08 22.61
C THR A 336 -3.58 -18.15 22.27
N SER A 337 -2.98 -18.10 21.09
CA SER A 337 -1.99 -19.11 20.72
C SER A 337 -0.65 -18.89 21.39
N GLY A 338 -0.24 -17.64 21.59
CA GLY A 338 1.10 -17.39 22.09
C GLY A 338 1.17 -16.65 23.41
N GLY A 339 0.07 -16.60 24.14
CA GLY A 339 -0.04 -15.79 25.34
C GLY A 339 0.11 -16.61 26.61
N THR A 340 0.58 -15.96 27.68
CA THR A 340 0.68 -16.63 28.95
C THR A 340 -0.72 -16.86 29.49
N VAL A 341 -0.83 -17.83 30.39
CA VAL A 341 -2.16 -18.20 30.87
C VAL A 341 -2.83 -16.98 31.50
N GLU A 342 -2.07 -16.18 32.24
CA GLU A 342 -2.57 -14.94 32.83
C GLU A 342 -3.12 -13.99 31.76
N GLN A 343 -2.47 -13.95 30.59
CA GLN A 343 -2.95 -13.06 29.53
C GLN A 343 -4.27 -13.56 28.96
N ILE A 344 -4.45 -14.87 28.80
CA ILE A 344 -5.73 -15.37 28.31
C ILE A 344 -6.83 -15.10 29.34
N VAL A 345 -6.52 -15.27 30.63
CA VAL A 345 -7.44 -14.82 31.69
C VAL A 345 -7.87 -13.38 31.47
N TYR A 346 -6.90 -12.48 31.28
CA TYR A 346 -7.26 -11.07 31.11
C TYR A 346 -8.10 -10.87 29.85
N LEU A 347 -7.81 -11.61 28.79
CA LEU A 347 -8.62 -11.49 27.57
C LEU A 347 -10.05 -11.94 27.82
N VAL A 348 -10.24 -13.00 28.60
CA VAL A 348 -11.61 -13.45 28.85
C VAL A 348 -12.32 -12.51 29.81
N HIS A 349 -11.58 -11.96 30.78
CA HIS A 349 -12.13 -11.00 31.72
C HIS A 349 -12.55 -9.71 31.03
N CYS A 350 -12.02 -9.42 29.85
CA CYS A 350 -12.42 -8.24 29.10
C CYS A 350 -13.69 -8.43 28.29
N GLY A 351 -14.23 -9.63 28.24
CA GLY A 351 -15.48 -9.89 27.55
C GLY A 351 -15.35 -10.48 26.18
N ILE A 352 -14.26 -11.19 25.87
CA ILE A 352 -14.05 -11.67 24.52
C ILE A 352 -15.02 -12.78 24.14
N ILE A 353 -15.60 -13.48 25.13
CA ILE A 353 -16.36 -14.69 24.84
C ILE A 353 -17.63 -14.36 24.05
N GLU A 354 -18.36 -13.33 24.48
CA GLU A 354 -19.68 -13.10 23.87
C GLU A 354 -19.58 -12.74 22.40
N PRO A 355 -18.79 -11.74 21.97
CA PRO A 355 -18.67 -11.51 20.52
C PRO A 355 -18.04 -12.69 19.79
N LEU A 356 -17.13 -13.41 20.44
CA LEU A 356 -16.55 -14.61 19.84
C LEU A 356 -17.62 -15.64 19.51
N MET A 357 -18.61 -15.80 20.40
CA MET A 357 -19.72 -16.71 20.11
C MET A 357 -20.63 -16.13 19.03
N ASN A 358 -20.93 -14.83 19.10
CA ASN A 358 -21.89 -14.23 18.16
C ASN A 358 -21.41 -14.38 16.73
N LEU A 359 -20.09 -14.39 16.52
CA LEU A 359 -19.51 -14.55 15.19
C LEU A 359 -19.46 -16.01 14.71
N LEU A 360 -19.88 -16.97 15.53
CA LEU A 360 -20.04 -18.33 15.02
C LEU A 360 -21.21 -18.43 14.06
N SER A 361 -22.10 -17.45 14.11
CA SER A 361 -23.27 -17.46 13.20
C SER A 361 -22.86 -16.74 11.92
N ALA A 362 -21.55 -16.67 11.66
CA ALA A 362 -21.10 -15.95 10.45
C ALA A 362 -21.28 -16.84 9.23
N LYS A 363 -21.28 -16.22 8.05
CA LYS A 363 -21.44 -16.91 6.75
C LYS A 363 -20.08 -17.10 6.11
N ASP A 364 -19.04 -17.25 6.93
CA ASP A 364 -17.68 -17.39 6.36
C ASP A 364 -17.02 -18.60 6.99
N THR A 365 -16.57 -19.55 6.17
CA THR A 365 -16.00 -20.74 6.76
C THR A 365 -14.68 -20.42 7.49
N LYS A 366 -13.84 -19.56 6.90
CA LYS A 366 -12.51 -19.33 7.48
C LYS A 366 -12.62 -18.72 8.89
N ILE A 367 -13.43 -17.68 9.04
CA ILE A 367 -13.54 -17.01 10.35
C ILE A 367 -13.99 -18.01 11.41
N ILE A 368 -14.95 -18.89 11.08
CA ILE A 368 -15.40 -19.88 12.06
C ILE A 368 -14.24 -20.78 12.47
N GLN A 369 -13.49 -21.30 11.49
CA GLN A 369 -12.29 -22.08 11.83
C GLN A 369 -11.40 -21.33 12.80
N VAL A 370 -11.18 -20.03 12.57
CA VAL A 370 -10.22 -19.30 13.39
C VAL A 370 -10.77 -19.12 14.80
N ILE A 371 -12.07 -18.86 14.91
CA ILE A 371 -12.72 -18.66 16.19
C ILE A 371 -12.71 -19.95 17.00
N LEU A 372 -13.19 -21.03 16.37
CA LEU A 372 -13.13 -22.33 17.02
C LEU A 372 -11.73 -22.67 17.42
N ASP A 373 -10.75 -22.27 16.61
CA ASP A 373 -9.40 -22.63 16.99
C ASP A 373 -9.06 -21.85 18.26
N ALA A 374 -9.32 -20.54 18.24
CA ALA A 374 -9.16 -19.69 19.42
C ALA A 374 -9.90 -20.24 20.66
N ILE A 375 -11.08 -20.83 20.49
CA ILE A 375 -11.74 -21.42 21.65
C ILE A 375 -10.93 -22.62 22.16
N SER A 376 -10.35 -23.40 21.26
CA SER A 376 -9.51 -24.53 21.67
C SER A 376 -8.35 -24.02 22.52
N ASN A 377 -7.70 -22.93 22.09
CA ASN A 377 -6.63 -22.33 22.84
C ASN A 377 -7.07 -21.95 24.25
N ILE A 378 -8.22 -21.30 24.36
CA ILE A 378 -8.68 -20.79 25.65
C ILE A 378 -9.04 -21.95 26.58
N PHE A 379 -9.67 -22.99 26.03
CA PHE A 379 -9.93 -24.19 26.83
C PHE A 379 -8.63 -24.86 27.25
N GLN A 380 -7.62 -24.87 26.37
CA GLN A 380 -6.32 -25.41 26.75
C GLN A 380 -5.71 -24.62 27.91
N ALA A 381 -5.96 -23.31 27.94
CA ALA A 381 -5.50 -22.51 29.08
C ALA A 381 -6.35 -22.76 30.32
N ALA A 382 -7.64 -23.04 30.14
CA ALA A 382 -8.50 -23.36 31.28
C ALA A 382 -8.15 -24.72 31.89
N GLU A 383 -7.63 -25.64 31.08
CA GLU A 383 -7.16 -26.92 31.60
C GLU A 383 -5.94 -26.73 32.49
N LYS A 384 -5.00 -25.87 32.06
CA LYS A 384 -3.82 -25.56 32.86
C LYS A 384 -4.20 -24.92 34.20
N LEU A 385 -5.33 -24.19 34.23
CA LEU A 385 -5.88 -23.63 35.45
C LEU A 385 -6.96 -24.50 36.08
N GLY A 386 -7.41 -25.55 35.39
CA GLY A 386 -8.40 -26.47 35.90
C GLY A 386 -9.83 -25.95 35.90
N GLU A 387 -10.07 -24.77 35.34
CA GLU A 387 -11.38 -24.12 35.39
C GLU A 387 -12.18 -24.36 34.12
N THR A 388 -12.08 -25.58 33.56
CA THR A 388 -12.69 -25.88 32.27
C THR A 388 -14.21 -25.80 32.33
N GLU A 389 -14.82 -26.26 33.43
CA GLU A 389 -16.27 -26.24 33.51
C GLU A 389 -16.80 -24.80 33.64
N LYS A 390 -16.03 -23.94 34.31
CA LYS A 390 -16.44 -22.55 34.49
C LYS A 390 -16.51 -21.82 33.16
N LEU A 391 -15.51 -22.00 32.30
CA LEU A 391 -15.59 -21.51 30.94
C LEU A 391 -16.66 -22.24 30.14
N SER A 392 -16.89 -23.51 30.45
CA SER A 392 -17.99 -24.23 29.81
C SER A 392 -19.31 -23.49 30.01
N ILE A 393 -19.60 -23.06 31.24
CA ILE A 393 -20.89 -22.46 31.50
C ILE A 393 -20.92 -21.02 31.02
N MET A 394 -19.75 -20.36 30.95
CA MET A 394 -19.70 -19.04 30.36
C MET A 394 -20.14 -19.11 28.90
N ILE A 395 -19.63 -20.10 28.17
CA ILE A 395 -20.08 -20.33 26.79
C ILE A 395 -21.55 -20.74 26.77
N GLU A 396 -22.01 -21.43 27.81
CA GLU A 396 -23.44 -21.72 27.93
C GLU A 396 -24.26 -20.43 27.99
N GLU A 397 -23.89 -19.51 28.88
CA GLU A 397 -24.74 -18.35 29.18
C GLU A 397 -24.82 -17.35 28.04
N CYS A 398 -23.84 -17.33 27.13
CA CYS A 398 -23.90 -16.47 25.96
C CYS A 398 -24.29 -17.23 24.70
N GLY A 399 -25.04 -18.33 24.85
CA GLY A 399 -25.57 -19.07 23.71
C GLY A 399 -24.54 -19.70 22.82
N GLY A 400 -23.37 -20.03 23.35
CA GLY A 400 -22.32 -20.59 22.51
C GLY A 400 -22.58 -22.04 22.15
N LEU A 401 -23.11 -22.83 23.08
CA LEU A 401 -23.13 -24.26 22.83
C LEU A 401 -24.16 -24.63 21.76
N ASP A 402 -25.20 -23.82 21.58
CA ASP A 402 -26.06 -24.01 20.41
C ASP A 402 -25.29 -23.86 19.12
N LYS A 403 -24.37 -22.90 19.09
CA LYS A 403 -23.68 -22.64 17.83
C LYS A 403 -22.61 -23.70 17.56
N ILE A 404 -21.98 -24.22 18.61
CA ILE A 404 -21.00 -25.29 18.38
C ILE A 404 -21.70 -26.56 17.94
N GLU A 405 -22.84 -26.89 18.57
CA GLU A 405 -23.54 -28.12 18.20
C GLU A 405 -24.12 -28.01 16.80
N ALA A 406 -24.56 -26.83 16.40
CA ALA A 406 -25.05 -26.65 15.04
C ALA A 406 -23.90 -26.71 14.04
N LEU A 407 -22.74 -26.18 14.42
CA LEU A 407 -21.59 -26.13 13.51
C LEU A 407 -20.91 -27.48 13.35
N GLN A 408 -21.15 -28.41 14.28
CA GLN A 408 -20.43 -29.68 14.30
C GLN A 408 -20.82 -30.58 13.12
N ARG A 409 -21.46 -30.00 12.10
CA ARG A 409 -22.05 -30.77 11.02
C ARG A 409 -22.37 -29.93 9.80
N HIS A 410 -21.35 -29.64 9.00
CA HIS A 410 -21.53 -29.01 7.70
C HIS A 410 -20.29 -29.29 6.85
N GLU A 411 -20.14 -28.53 5.75
CA GLU A 411 -19.31 -28.95 4.62
C GLU A 411 -17.84 -29.15 5.01
N ASN A 412 -17.17 -28.08 5.43
CA ASN A 412 -15.75 -28.17 5.78
C ASN A 412 -15.46 -29.28 6.79
N GLU A 413 -14.20 -29.77 6.70
CA GLU A 413 -13.70 -30.88 7.48
C GLU A 413 -13.18 -30.43 8.84
N SER A 414 -12.27 -29.46 8.85
CA SER A 414 -11.67 -29.01 10.11
C SER A 414 -12.71 -28.44 11.06
N VAL A 415 -13.81 -27.89 10.52
CA VAL A 415 -14.82 -27.26 11.37
C VAL A 415 -15.51 -28.30 12.23
N TYR A 416 -16.04 -29.37 11.62
CA TYR A 416 -16.74 -30.36 12.42
C TYR A 416 -15.77 -31.20 13.24
N LYS A 417 -14.53 -31.36 12.78
CA LYS A 417 -13.53 -32.07 13.57
C LYS A 417 -13.23 -31.35 14.86
N ALA A 418 -12.91 -30.05 14.79
CA ALA A 418 -12.58 -29.30 16.00
C ALA A 418 -13.82 -29.12 16.88
N SER A 419 -14.97 -28.86 16.27
CA SER A 419 -16.18 -28.62 17.05
C SER A 419 -16.71 -29.89 17.71
N LEU A 420 -16.59 -31.03 17.02
CA LEU A 420 -16.94 -32.30 17.67
C LEU A 420 -15.96 -32.63 18.79
N ASN A 421 -14.67 -32.33 18.58
CA ASN A 421 -13.70 -32.46 19.66
C ASN A 421 -14.10 -31.60 20.85
N LEU A 422 -14.59 -30.39 20.58
CA LEU A 422 -14.98 -29.49 21.67
C LEU A 422 -16.17 -30.04 22.44
N ILE A 423 -17.17 -30.57 21.73
CA ILE A 423 -18.35 -31.11 22.39
C ILE A 423 -17.98 -32.33 23.23
N GLU A 424 -17.21 -33.25 22.65
CA GLU A 424 -16.90 -34.51 23.30
C GLU A 424 -15.84 -34.38 24.40
N LYS A 425 -15.18 -33.21 24.53
CA LYS A 425 -14.16 -33.01 25.56
C LYS A 425 -14.58 -32.06 26.66
N TYR A 426 -15.49 -31.14 26.40
CA TYR A 426 -15.88 -30.13 27.38
C TYR A 426 -17.37 -30.00 27.60
N PHE A 427 -18.19 -30.84 26.97
CA PHE A 427 -19.64 -30.78 27.15
C PHE A 427 -20.17 -32.21 27.13
N SER A 428 -20.14 -32.86 28.30
CA SER A 428 -20.65 -34.23 28.46
C SER A 428 -20.82 -34.58 29.94
N GLU B 6 -4.53 5.95 -9.30
CA GLU B 6 -3.30 6.41 -8.65
C GLU B 6 -2.07 5.97 -9.41
N GLU B 7 -2.24 4.93 -10.23
CA GLU B 7 -1.11 4.28 -10.80
C GLU B 7 -0.67 5.00 -12.08
N LYS B 8 -1.54 5.81 -12.69
CA LYS B 8 -1.14 6.77 -13.75
C LYS B 8 -1.84 8.15 -13.61
N ARG B 9 -1.28 9.20 -14.27
CA ARG B 9 -1.79 10.58 -14.15
C ARG B 9 -1.85 11.27 -15.50
N LYS B 10 -3.01 11.87 -15.80
CA LYS B 10 -3.18 12.71 -16.96
C LYS B 10 -3.06 14.18 -16.56
N ARG B 11 -2.35 14.97 -17.38
CA ARG B 11 -2.25 16.40 -17.08
C ARG B 11 -3.41 17.13 -17.77
N THR B 12 -4.36 17.60 -16.96
CA THR B 12 -5.57 18.25 -17.47
C THR B 12 -5.43 19.76 -17.36
N TYR B 13 -4.48 20.28 -18.13
CA TYR B 13 -4.15 21.70 -18.18
C TYR B 13 -3.76 22.25 -16.80
N GLU C 6 0.83 -20.93 14.39
CA GLU C 6 0.94 -19.54 14.80
C GLU C 6 2.05 -18.82 14.03
N GLU C 7 1.67 -18.16 12.93
CA GLU C 7 2.62 -17.46 12.08
C GLU C 7 2.04 -16.11 11.68
N LYS C 8 2.91 -15.24 11.17
CA LYS C 8 2.50 -13.91 10.72
C LYS C 8 1.96 -14.00 9.31
N ARG C 9 0.87 -13.27 9.07
CA ARG C 9 0.15 -13.29 7.79
C ARG C 9 0.50 -12.06 6.97
N LYS C 10 1.00 -12.27 5.75
CA LYS C 10 1.31 -11.15 4.87
C LYS C 10 0.11 -10.84 3.98
N ARG C 11 0.23 -9.79 3.16
CA ARG C 11 -0.86 -9.36 2.30
C ARG C 11 -1.24 -10.42 1.25
#